data_2M4Y
#
_entry.id   2M4Y
#
_entity_poly.entity_id   1
_entity_poly.type   'polypeptide(L)'
_entity_poly.pdbx_seq_one_letter_code
;MTAYRCPVCDYTYDEGKGDPREGFPAGTRWDQIPDDWCCPDCSVREKVDFERMGGK
;
_entity_poly.pdbx_strand_id   A
#
# COMPACT_ATOMS: atom_id res chain seq x y z
N MET A 1 -8.97 11.16 -3.18
CA MET A 1 -8.00 10.13 -3.58
C MET A 1 -7.87 9.06 -2.49
N THR A 2 -7.37 7.89 -2.89
CA THR A 2 -7.19 6.79 -1.95
C THR A 2 -5.79 6.81 -1.33
N ALA A 3 -5.71 6.44 -0.06
CA ALA A 3 -4.43 6.41 0.65
C ALA A 3 -4.40 5.29 1.67
N TYR A 4 -3.51 4.33 1.45
CA TYR A 4 -3.37 3.19 2.36
C TYR A 4 -1.98 3.16 2.99
N ARG A 5 -1.92 3.53 4.26
CA ARG A 5 -0.64 3.54 4.98
C ARG A 5 -0.70 2.62 6.19
N CYS A 6 0.08 1.55 6.16
CA CYS A 6 0.13 0.59 7.25
C CYS A 6 1.47 -0.13 7.29
N PRO A 7 2.43 0.46 8.00
CA PRO A 7 3.78 -0.10 8.14
C PRO A 7 3.79 -1.36 9.00
N VAL A 8 2.65 -1.67 9.62
CA VAL A 8 2.53 -2.86 10.45
C VAL A 8 2.63 -4.14 9.62
N CYS A 9 2.33 -4.01 8.33
CA CYS A 9 2.37 -5.16 7.43
C CYS A 9 3.40 -4.94 6.33
N ASP A 10 3.33 -3.79 5.67
CA ASP A 10 4.26 -3.46 4.60
C ASP A 10 4.37 -1.95 4.42
N TYR A 11 5.44 -1.51 3.76
CA TYR A 11 5.66 -0.10 3.52
C TYR A 11 4.39 0.59 3.04
N THR A 12 4.32 1.90 3.22
CA THR A 12 3.16 2.68 2.80
C THR A 12 3.49 3.52 1.57
N TYR A 13 2.58 3.51 0.60
CA TYR A 13 2.77 4.28 -0.62
C TYR A 13 1.43 4.74 -1.18
N ASP A 14 1.16 6.03 -1.08
CA ASP A 14 -0.09 6.60 -1.58
C ASP A 14 -0.11 6.60 -3.10
N GLU A 15 -1.32 6.63 -3.66
CA GLU A 15 -1.48 6.63 -5.11
C GLU A 15 -0.69 7.76 -5.75
N GLY A 16 -0.83 8.96 -5.20
CA GLY A 16 -0.12 10.12 -5.73
C GLY A 16 1.25 10.29 -5.11
N LYS A 17 1.69 9.27 -4.38
CA LYS A 17 3.00 9.32 -3.73
C LYS A 17 4.13 9.27 -4.75
N GLY A 18 4.00 8.40 -5.74
CA GLY A 18 5.01 8.27 -6.77
C GLY A 18 6.19 7.45 -6.32
N ASP A 19 5.98 6.15 -6.13
CA ASP A 19 7.04 5.25 -5.69
C ASP A 19 7.27 4.13 -6.72
N PRO A 20 7.93 4.48 -7.83
CA PRO A 20 8.22 3.52 -8.90
C PRO A 20 9.26 2.48 -8.49
N ARG A 21 9.86 2.68 -7.31
CA ARG A 21 10.86 1.77 -6.80
C ARG A 21 10.22 0.45 -6.36
N GLU A 22 8.95 0.51 -6.00
CA GLU A 22 8.22 -0.68 -5.56
C GLU A 22 7.42 -1.28 -6.70
N GLY A 23 7.86 -1.01 -7.94
CA GLY A 23 7.18 -1.54 -9.10
C GLY A 23 5.85 -0.85 -9.35
N PHE A 24 5.64 0.28 -8.68
CA PHE A 24 4.40 1.04 -8.83
C PHE A 24 4.70 2.52 -9.05
N PRO A 25 4.97 2.89 -10.32
CA PRO A 25 5.27 4.27 -10.69
C PRO A 25 4.06 5.19 -10.58
N ALA A 26 4.25 6.47 -10.88
CA ALA A 26 3.16 7.44 -10.82
C ALA A 26 1.95 6.96 -11.60
N GLY A 27 0.77 7.17 -11.03
CA GLY A 27 -0.46 6.75 -11.68
C GLY A 27 -0.92 5.38 -11.24
N THR A 28 0.04 4.51 -10.92
CA THR A 28 -0.27 3.16 -10.48
C THR A 28 -1.24 3.17 -9.30
N ARG A 29 -2.47 2.75 -9.56
CA ARG A 29 -3.50 2.71 -8.52
C ARG A 29 -3.19 1.63 -7.48
N TRP A 30 -3.63 1.86 -6.26
CA TRP A 30 -3.39 0.91 -5.17
C TRP A 30 -3.95 -0.47 -5.52
N ASP A 31 -4.99 -0.48 -6.35
CA ASP A 31 -5.61 -1.74 -6.76
C ASP A 31 -4.68 -2.53 -7.68
N GLN A 32 -3.68 -1.84 -8.23
CA GLN A 32 -2.73 -2.48 -9.13
C GLN A 32 -1.93 -3.56 -8.40
N ILE A 33 -1.58 -3.27 -7.14
CA ILE A 33 -0.81 -4.20 -6.33
C ILE A 33 -1.58 -5.51 -6.11
N PRO A 34 -0.90 -6.64 -6.32
CA PRO A 34 -1.49 -7.97 -6.16
C PRO A 34 -1.79 -8.30 -4.69
N ASP A 35 -3.00 -8.77 -4.44
CA ASP A 35 -3.42 -9.12 -3.08
C ASP A 35 -2.61 -10.31 -2.57
N ASP A 36 -1.92 -11.00 -3.46
CA ASP A 36 -1.11 -12.15 -3.10
C ASP A 36 0.34 -11.75 -2.88
N TRP A 37 0.56 -10.49 -2.53
CA TRP A 37 1.90 -9.98 -2.30
C TRP A 37 2.54 -10.67 -1.10
N CYS A 38 3.87 -10.84 -1.15
CA CYS A 38 4.60 -11.48 -0.08
C CYS A 38 5.45 -10.48 0.68
N CYS A 39 5.22 -10.37 1.99
CA CYS A 39 5.97 -9.45 2.82
C CYS A 39 6.39 -10.11 4.13
N PRO A 40 7.39 -9.53 4.81
CA PRO A 40 7.91 -10.05 6.07
C PRO A 40 6.92 -9.87 7.21
N ASP A 41 6.39 -8.66 7.36
CA ASP A 41 5.43 -8.37 8.41
C ASP A 41 4.02 -8.80 8.01
N CYS A 42 3.59 -8.35 6.84
CA CYS A 42 2.27 -8.68 6.33
C CYS A 42 2.07 -10.19 6.29
N SER A 43 3.18 -10.93 6.23
CA SER A 43 3.13 -12.39 6.18
C SER A 43 2.24 -12.94 7.28
N VAL A 44 2.18 -12.23 8.40
CA VAL A 44 1.36 -12.65 9.54
C VAL A 44 0.19 -11.69 9.75
N ARG A 45 0.32 -10.49 9.20
CA ARG A 45 -0.73 -9.47 9.34
C ARG A 45 -1.52 -9.34 8.05
N GLU A 46 -2.84 -9.52 8.15
CA GLU A 46 -3.71 -9.42 6.99
C GLU A 46 -3.49 -8.11 6.25
N LYS A 47 -3.87 -8.07 4.98
CA LYS A 47 -3.71 -6.88 4.16
C LYS A 47 -4.81 -5.87 4.45
N VAL A 48 -5.96 -6.37 4.89
CA VAL A 48 -7.09 -5.50 5.21
C VAL A 48 -6.86 -4.75 6.52
N ASP A 49 -5.80 -5.12 7.22
CA ASP A 49 -5.47 -4.48 8.49
C ASP A 49 -5.15 -3.00 8.29
N PHE A 50 -4.85 -2.62 7.05
CA PHE A 50 -4.53 -1.24 6.72
C PHE A 50 -5.61 -0.30 7.23
N GLU A 51 -5.33 1.00 7.19
CA GLU A 51 -6.28 2.00 7.66
C GLU A 51 -6.24 3.24 6.77
N ARG A 52 -7.29 3.42 5.98
CA ARG A 52 -7.38 4.56 5.07
C ARG A 52 -7.35 5.88 5.85
N MET A 53 -6.59 6.85 5.34
CA MET A 53 -6.48 8.14 5.99
C MET A 53 -7.63 9.06 5.58
N GLY A 54 -7.68 10.24 6.17
CA GLY A 54 -8.73 11.19 5.85
C GLY A 54 -8.41 12.59 6.33
N GLY A 55 -7.47 13.25 5.65
CA GLY A 55 -7.09 14.60 6.01
C GLY A 55 -7.55 15.62 5.00
N LYS A 56 -7.18 16.88 5.22
CA LYS A 56 -7.56 17.97 4.32
C LYS A 56 -6.42 18.30 3.36
N MET A 1 -8.26 11.18 -4.33
CA MET A 1 -7.13 10.28 -4.52
C MET A 1 -7.04 9.28 -3.39
N THR A 2 -6.46 8.11 -3.68
CA THR A 2 -6.30 7.06 -2.67
C THR A 2 -4.97 7.18 -1.95
N ALA A 3 -4.98 6.91 -0.65
CA ALA A 3 -3.77 6.98 0.16
C ALA A 3 -3.85 6.05 1.36
N TYR A 4 -2.99 5.04 1.40
CA TYR A 4 -2.97 4.09 2.50
C TYR A 4 -1.59 4.01 3.12
N ARG A 5 -1.56 3.85 4.45
CA ARG A 5 -0.30 3.76 5.18
C ARG A 5 -0.40 2.77 6.33
N CYS A 6 0.26 1.63 6.19
CA CYS A 6 0.24 0.59 7.20
C CYS A 6 1.51 -0.25 7.15
N PRO A 7 2.54 0.19 7.89
CA PRO A 7 3.83 -0.52 7.94
C PRO A 7 3.74 -1.84 8.69
N VAL A 8 2.59 -2.08 9.32
CA VAL A 8 2.38 -3.32 10.06
C VAL A 8 2.44 -4.54 9.15
N CYS A 9 2.23 -4.30 7.86
CA CYS A 9 2.27 -5.39 6.87
C CYS A 9 3.37 -5.14 5.84
N ASP A 10 3.36 -3.96 5.24
CA ASP A 10 4.35 -3.62 4.22
C ASP A 10 4.52 -2.10 4.12
N TYR A 11 5.63 -1.67 3.55
CA TYR A 11 5.91 -0.25 3.40
C TYR A 11 4.71 0.49 2.82
N THR A 12 4.64 1.79 3.08
CA THR A 12 3.54 2.61 2.57
C THR A 12 3.99 3.52 1.45
N TYR A 13 3.16 3.64 0.42
CA TYR A 13 3.47 4.48 -0.73
C TYR A 13 2.22 5.07 -1.34
N ASP A 14 1.96 6.35 -1.04
CA ASP A 14 0.77 7.03 -1.55
C ASP A 14 0.91 7.28 -3.05
N GLU A 15 -0.20 7.13 -3.78
CA GLU A 15 -0.19 7.34 -5.22
C GLU A 15 0.38 8.70 -5.57
N GLY A 16 -0.11 9.74 -4.92
CA GLY A 16 0.38 11.08 -5.18
C GLY A 16 1.87 11.22 -4.89
N LYS A 17 2.41 10.28 -4.14
CA LYS A 17 3.83 10.31 -3.80
C LYS A 17 4.66 9.65 -4.90
N GLY A 18 4.24 8.47 -5.33
CA GLY A 18 4.97 7.76 -6.38
C GLY A 18 5.69 6.54 -5.85
N ASP A 19 7.01 6.63 -5.77
CA ASP A 19 7.82 5.52 -5.28
C ASP A 19 7.71 4.31 -6.21
N PRO A 20 8.31 4.43 -7.40
CA PRO A 20 8.29 3.36 -8.41
C PRO A 20 9.12 2.15 -7.99
N ARG A 21 9.88 2.31 -6.90
CA ARG A 21 10.73 1.24 -6.39
C ARG A 21 9.92 -0.04 -6.20
N GLU A 22 8.81 0.07 -5.49
CA GLU A 22 7.95 -1.07 -5.22
C GLU A 22 7.23 -1.52 -6.50
N GLY A 23 7.32 -0.69 -7.54
CA GLY A 23 6.67 -1.03 -8.80
C GLY A 23 5.32 -0.38 -8.95
N PHE A 24 5.12 0.74 -8.25
CA PHE A 24 3.86 1.47 -8.31
C PHE A 24 4.10 2.97 -8.37
N PRO A 25 4.33 3.50 -9.57
CA PRO A 25 4.58 4.92 -9.79
C PRO A 25 3.33 5.77 -9.57
N ALA A 26 3.49 7.08 -9.65
CA ALA A 26 2.37 8.01 -9.45
C ALA A 26 1.20 7.63 -10.35
N GLY A 27 0.04 7.37 -9.72
CA GLY A 27 -1.13 7.01 -10.48
C GLY A 27 -1.56 5.58 -10.23
N THR A 28 -0.61 4.74 -9.87
CA THR A 28 -0.89 3.33 -9.60
C THR A 28 -1.93 3.17 -8.52
N ARG A 29 -3.13 2.73 -8.91
CA ARG A 29 -4.22 2.54 -7.97
C ARG A 29 -3.87 1.47 -6.93
N TRP A 30 -4.11 1.78 -5.66
CA TRP A 30 -3.81 0.85 -4.59
C TRP A 30 -4.55 -0.47 -4.79
N ASP A 31 -5.69 -0.41 -5.47
CA ASP A 31 -6.50 -1.59 -5.73
C ASP A 31 -5.79 -2.52 -6.74
N GLN A 32 -4.95 -1.92 -7.58
CA GLN A 32 -4.22 -2.68 -8.59
C GLN A 32 -3.21 -3.61 -7.94
N ILE A 33 -2.73 -3.24 -6.76
CA ILE A 33 -1.76 -4.04 -6.04
C ILE A 33 -2.24 -5.48 -5.88
N PRO A 34 -1.35 -6.44 -6.16
CA PRO A 34 -1.66 -7.87 -6.06
C PRO A 34 -1.82 -8.32 -4.61
N ASP A 35 -2.94 -8.97 -4.32
CA ASP A 35 -3.21 -9.46 -2.98
C ASP A 35 -2.41 -10.73 -2.68
N ASP A 36 -1.90 -11.35 -3.74
CA ASP A 36 -1.11 -12.58 -3.60
C ASP A 36 0.31 -12.26 -3.15
N TRP A 37 0.74 -11.02 -3.38
CA TRP A 37 2.08 -10.60 -3.00
C TRP A 37 2.36 -10.92 -1.52
N CYS A 38 3.54 -11.43 -1.26
CA CYS A 38 3.93 -11.79 0.10
C CYS A 38 4.78 -10.68 0.74
N CYS A 39 5.03 -10.79 2.04
CA CYS A 39 5.82 -9.81 2.75
C CYS A 39 6.30 -10.36 4.09
N PRO A 40 7.33 -9.73 4.66
CA PRO A 40 7.91 -10.14 5.94
C PRO A 40 6.97 -9.86 7.11
N ASP A 41 6.44 -8.63 7.16
CA ASP A 41 5.54 -8.24 8.23
C ASP A 41 4.12 -8.73 7.95
N CYS A 42 3.63 -8.45 6.74
CA CYS A 42 2.29 -8.86 6.34
C CYS A 42 2.13 -10.37 6.46
N SER A 43 3.25 -11.08 6.42
CA SER A 43 3.22 -12.54 6.51
C SER A 43 2.40 -12.99 7.71
N VAL A 44 2.40 -12.18 8.76
CA VAL A 44 1.65 -12.50 9.98
C VAL A 44 0.51 -11.51 10.18
N ARG A 45 0.60 -10.36 9.53
CA ARG A 45 -0.42 -9.33 9.66
C ARG A 45 -1.30 -9.28 8.41
N GLU A 46 -2.61 -9.39 8.61
CA GLU A 46 -3.56 -9.38 7.50
C GLU A 46 -3.33 -8.15 6.61
N LYS A 47 -3.72 -8.26 5.35
CA LYS A 47 -3.57 -7.17 4.40
C LYS A 47 -4.69 -6.15 4.55
N VAL A 48 -5.78 -6.56 5.20
CA VAL A 48 -6.92 -5.68 5.42
C VAL A 48 -6.61 -4.63 6.49
N ASP A 49 -5.46 -4.77 7.13
CA ASP A 49 -5.04 -3.83 8.17
C ASP A 49 -4.87 -2.43 7.60
N PHE A 50 -4.59 -2.36 6.31
CA PHE A 50 -4.39 -1.08 5.63
C PHE A 50 -5.55 -0.13 5.92
N GLU A 51 -5.23 1.12 6.20
CA GLU A 51 -6.25 2.13 6.50
C GLU A 51 -5.98 3.41 5.72
N ARG A 52 -7.04 4.01 5.19
CA ARG A 52 -6.93 5.25 4.43
C ARG A 52 -6.39 6.38 5.30
N MET A 53 -5.52 7.20 4.72
CA MET A 53 -4.93 8.33 5.44
C MET A 53 -5.55 9.64 4.99
N GLY A 54 -6.88 9.71 4.98
CA GLY A 54 -7.57 10.91 4.57
C GLY A 54 -8.98 10.64 4.10
N GLY A 55 -9.18 10.68 2.78
CA GLY A 55 -10.50 10.44 2.22
C GLY A 55 -11.35 11.69 2.18
N LYS A 56 -12.62 11.55 2.53
CA LYS A 56 -13.55 12.68 2.54
C LYS A 56 -13.90 13.08 3.96
N MET A 1 -9.12 11.32 -2.74
CA MET A 1 -8.21 10.26 -3.15
C MET A 1 -7.98 9.26 -2.01
N THR A 2 -7.54 8.07 -2.36
CA THR A 2 -7.28 7.03 -1.37
C THR A 2 -5.84 7.06 -0.90
N ALA A 3 -5.63 6.77 0.38
CA ALA A 3 -4.29 6.77 0.95
C ALA A 3 -4.19 5.78 2.11
N TYR A 4 -3.35 4.76 1.95
CA TYR A 4 -3.17 3.74 2.97
C TYR A 4 -1.78 3.83 3.59
N ARG A 5 -1.72 3.86 4.92
CA ARG A 5 -0.45 3.95 5.63
C ARG A 5 -0.42 2.98 6.80
N CYS A 6 0.26 1.86 6.62
CA CYS A 6 0.36 0.84 7.67
C CYS A 6 1.63 0.01 7.50
N PRO A 7 2.74 0.51 8.07
CA PRO A 7 4.04 -0.17 7.99
C PRO A 7 4.07 -1.46 8.81
N VAL A 8 3.08 -1.62 9.68
CA VAL A 8 2.99 -2.81 10.53
C VAL A 8 2.96 -4.09 9.69
N CYS A 9 2.54 -3.95 8.43
CA CYS A 9 2.46 -5.09 7.51
C CYS A 9 3.44 -4.92 6.36
N ASP A 10 3.35 -3.80 5.66
CA ASP A 10 4.22 -3.52 4.53
C ASP A 10 4.41 -2.02 4.34
N TYR A 11 5.45 -1.65 3.61
CA TYR A 11 5.75 -0.24 3.35
C TYR A 11 4.48 0.52 2.97
N THR A 12 4.49 1.83 3.18
CA THR A 12 3.35 2.67 2.85
C THR A 12 3.63 3.53 1.63
N TYR A 13 2.71 3.50 0.66
CA TYR A 13 2.87 4.28 -0.56
C TYR A 13 1.50 4.71 -1.10
N ASP A 14 1.21 6.00 -0.97
CA ASP A 14 -0.06 6.55 -1.44
C ASP A 14 -0.10 6.57 -2.97
N GLU A 15 -1.18 6.05 -3.53
CA GLU A 15 -1.36 6.01 -4.98
C GLU A 15 -1.28 7.42 -5.57
N GLY A 16 -1.67 8.42 -4.78
CA GLY A 16 -1.64 9.79 -5.25
C GLY A 16 -0.30 10.45 -5.01
N LYS A 17 0.69 9.65 -4.61
CA LYS A 17 2.02 10.17 -4.34
C LYS A 17 3.01 9.70 -5.40
N GLY A 18 2.96 8.40 -5.70
CA GLY A 18 3.86 7.84 -6.69
C GLY A 18 5.09 7.21 -6.07
N ASP A 19 5.05 5.89 -5.89
CA ASP A 19 6.17 5.17 -5.31
C ASP A 19 6.80 4.23 -6.32
N PRO A 20 7.56 4.80 -7.28
CA PRO A 20 8.24 4.03 -8.33
C PRO A 20 9.38 3.19 -7.78
N ARG A 21 9.72 3.41 -6.51
CA ARG A 21 10.80 2.67 -5.87
C ARG A 21 10.42 1.20 -5.69
N GLU A 22 9.12 0.92 -5.65
CA GLU A 22 8.63 -0.44 -5.48
C GLU A 22 8.08 -0.98 -6.80
N GLY A 23 8.55 -0.42 -7.91
CA GLY A 23 8.09 -0.87 -9.22
C GLY A 23 6.70 -0.37 -9.53
N PHE A 24 6.28 0.70 -8.85
CA PHE A 24 4.95 1.26 -9.07
C PHE A 24 5.01 2.79 -9.09
N PRO A 25 5.33 3.35 -10.28
CA PRO A 25 5.42 4.79 -10.46
C PRO A 25 4.06 5.48 -10.39
N ALA A 26 4.06 6.79 -10.59
CA ALA A 26 2.82 7.57 -10.55
C ALA A 26 1.76 6.95 -11.46
N GLY A 27 0.55 6.79 -10.92
CA GLY A 27 -0.53 6.21 -11.69
C GLY A 27 -0.96 4.86 -11.16
N THR A 28 0.01 4.05 -10.74
CA THR A 28 -0.27 2.72 -10.21
C THR A 28 -1.01 2.80 -8.88
N ARG A 29 -2.29 2.45 -8.89
CA ARG A 29 -3.10 2.48 -7.68
C ARG A 29 -2.92 1.20 -6.87
N TRP A 30 -3.10 1.32 -5.55
CA TRP A 30 -2.96 0.18 -4.66
C TRP A 30 -3.79 -1.01 -5.15
N ASP A 31 -4.90 -0.71 -5.82
CA ASP A 31 -5.77 -1.75 -6.34
C ASP A 31 -5.05 -2.63 -7.34
N GLN A 32 -4.19 -2.01 -8.15
CA GLN A 32 -3.43 -2.73 -9.16
C GLN A 32 -2.49 -3.74 -8.51
N ILE A 33 -2.08 -3.45 -7.27
CA ILE A 33 -1.18 -4.34 -6.54
C ILE A 33 -1.70 -5.77 -6.55
N PRO A 34 -0.80 -6.72 -6.85
CA PRO A 34 -1.12 -8.14 -6.89
C PRO A 34 -1.41 -8.71 -5.50
N ASP A 35 -2.55 -9.40 -5.37
CA ASP A 35 -2.94 -9.99 -4.11
C ASP A 35 -2.02 -11.17 -3.75
N ASP A 36 -1.26 -11.63 -4.73
CA ASP A 36 -0.34 -12.74 -4.52
C ASP A 36 0.92 -12.28 -3.82
N TRP A 37 1.17 -10.97 -3.85
CA TRP A 37 2.35 -10.39 -3.22
C TRP A 37 2.47 -10.86 -1.77
N CYS A 38 3.67 -11.29 -1.38
CA CYS A 38 3.91 -11.76 -0.03
C CYS A 38 4.94 -10.88 0.67
N CYS A 39 4.58 -10.37 1.84
CA CYS A 39 5.47 -9.51 2.62
C CYS A 39 5.92 -10.21 3.89
N PRO A 40 7.02 -9.71 4.49
CA PRO A 40 7.58 -10.27 5.72
C PRO A 40 6.69 -10.01 6.92
N ASP A 41 6.28 -8.77 7.10
CA ASP A 41 5.42 -8.39 8.21
C ASP A 41 3.96 -8.76 7.93
N CYS A 42 3.45 -8.31 6.79
CA CYS A 42 2.08 -8.60 6.40
C CYS A 42 1.82 -10.11 6.40
N SER A 43 2.88 -10.88 6.25
CA SER A 43 2.77 -12.34 6.22
C SER A 43 1.95 -12.85 7.41
N VAL A 44 2.07 -12.15 8.54
CA VAL A 44 1.34 -12.53 9.75
C VAL A 44 0.32 -11.46 10.13
N ARG A 45 -0.09 -10.66 9.14
CA ARG A 45 -1.06 -9.60 9.39
C ARG A 45 -1.97 -9.42 8.17
N GLU A 46 -3.27 -9.57 8.39
CA GLU A 46 -4.25 -9.43 7.32
C GLU A 46 -4.11 -8.07 6.63
N LYS A 47 -4.21 -8.06 5.30
CA LYS A 47 -4.09 -6.83 4.54
C LYS A 47 -5.19 -5.85 4.91
N VAL A 48 -6.30 -6.38 5.42
CA VAL A 48 -7.43 -5.54 5.83
C VAL A 48 -7.04 -4.62 6.98
N ASP A 49 -5.93 -4.92 7.63
CA ASP A 49 -5.45 -4.13 8.75
C ASP A 49 -5.12 -2.71 8.30
N PHE A 50 -4.88 -2.54 7.00
CA PHE A 50 -4.56 -1.23 6.44
C PHE A 50 -5.76 -0.28 6.55
N GLU A 51 -5.51 0.92 7.05
CA GLU A 51 -6.56 1.92 7.20
C GLU A 51 -6.27 3.15 6.35
N ARG A 52 -7.29 3.96 6.13
CA ARG A 52 -7.15 5.18 5.34
C ARG A 52 -6.97 6.40 6.24
N MET A 53 -6.11 7.32 5.81
CA MET A 53 -5.84 8.53 6.58
C MET A 53 -6.85 9.62 6.23
N GLY A 54 -6.83 10.07 4.98
CA GLY A 54 -7.74 11.11 4.54
C GLY A 54 -7.11 12.48 4.57
N GLY A 55 -6.19 12.74 3.64
CA GLY A 55 -5.52 14.03 3.59
C GLY A 55 -6.06 14.91 2.48
N LYS A 56 -5.62 14.64 1.25
CA LYS A 56 -6.06 15.42 0.10
C LYS A 56 -7.42 14.95 -0.40
N MET A 1 -8.65 12.20 -2.64
CA MET A 1 -7.77 11.16 -3.17
C MET A 1 -7.62 10.01 -2.17
N THR A 2 -7.23 8.85 -2.68
CA THR A 2 -7.06 7.67 -1.84
C THR A 2 -5.63 7.56 -1.33
N ALA A 3 -5.47 7.09 -0.10
CA ALA A 3 -4.14 6.93 0.49
C ALA A 3 -4.16 5.85 1.58
N TYR A 4 -3.41 4.78 1.34
CA TYR A 4 -3.34 3.68 2.30
C TYR A 4 -1.95 3.60 2.93
N ARG A 5 -1.90 3.70 4.25
CA ARG A 5 -0.64 3.64 4.97
C ARG A 5 -0.71 2.64 6.12
N CYS A 6 0.11 1.60 6.04
CA CYS A 6 0.13 0.57 7.07
C CYS A 6 1.50 -0.11 7.13
N PRO A 7 2.42 0.47 7.92
CA PRO A 7 3.77 -0.05 8.08
C PRO A 7 3.80 -1.35 8.87
N VAL A 8 2.73 -1.62 9.60
CA VAL A 8 2.62 -2.84 10.39
C VAL A 8 2.70 -4.07 9.51
N CYS A 9 2.44 -3.89 8.23
CA CYS A 9 2.49 -5.00 7.27
C CYS A 9 3.56 -4.77 6.22
N ASP A 10 3.45 -3.65 5.51
CA ASP A 10 4.42 -3.32 4.47
C ASP A 10 4.49 -1.80 4.26
N TYR A 11 5.57 -1.34 3.64
CA TYR A 11 5.76 0.08 3.38
C TYR A 11 4.49 0.71 2.80
N THR A 12 4.35 2.02 2.97
CA THR A 12 3.20 2.73 2.46
C THR A 12 3.57 3.59 1.25
N TYR A 13 2.67 3.63 0.27
CA TYR A 13 2.90 4.41 -0.94
C TYR A 13 1.58 4.94 -1.50
N ASP A 14 1.36 6.24 -1.33
CA ASP A 14 0.13 6.87 -1.82
C ASP A 14 0.14 6.95 -3.34
N GLU A 15 -1.04 6.86 -3.94
CA GLU A 15 -1.17 6.92 -5.39
C GLU A 15 -0.55 8.20 -5.94
N GLY A 16 -0.91 9.33 -5.35
CA GLY A 16 -0.37 10.61 -5.79
C GLY A 16 1.10 10.76 -5.45
N LYS A 17 1.51 10.18 -4.34
CA LYS A 17 2.90 10.26 -3.90
C LYS A 17 3.83 9.64 -4.94
N GLY A 18 3.34 8.60 -5.63
CA GLY A 18 4.14 7.94 -6.63
C GLY A 18 5.38 7.29 -6.05
N ASP A 19 5.30 5.98 -5.81
CA ASP A 19 6.42 5.24 -5.25
C ASP A 19 6.88 4.15 -6.21
N PRO A 20 7.60 4.56 -7.27
CA PRO A 20 8.12 3.64 -8.28
C PRO A 20 9.24 2.74 -7.74
N ARG A 21 9.68 3.04 -6.53
CA ARG A 21 10.75 2.27 -5.89
C ARG A 21 10.24 0.90 -5.47
N GLU A 22 8.95 0.82 -5.14
CA GLU A 22 8.35 -0.43 -4.71
C GLU A 22 7.68 -1.14 -5.89
N GLY A 23 8.14 -0.84 -7.09
CA GLY A 23 7.57 -1.46 -8.28
C GLY A 23 6.21 -0.91 -8.62
N PHE A 24 5.88 0.26 -8.07
CA PHE A 24 4.59 0.88 -8.32
C PHE A 24 4.75 2.38 -8.58
N PRO A 25 5.05 2.73 -9.84
CA PRO A 25 5.24 4.13 -10.25
C PRO A 25 3.94 4.91 -10.24
N ALA A 26 4.03 6.21 -10.53
CA ALA A 26 2.86 7.07 -10.54
C ALA A 26 1.75 6.49 -11.42
N GLY A 27 0.57 6.34 -10.85
CA GLY A 27 -0.55 5.78 -11.60
C GLY A 27 -0.99 4.44 -11.06
N THR A 28 -0.07 3.71 -10.45
CA THR A 28 -0.37 2.40 -9.89
C THR A 28 -1.57 2.46 -8.96
N ARG A 29 -2.57 1.63 -9.24
CA ARG A 29 -3.78 1.59 -8.43
C ARG A 29 -3.56 0.75 -7.17
N TRP A 30 -3.79 1.36 -6.01
CA TRP A 30 -3.63 0.67 -4.74
C TRP A 30 -4.41 -0.63 -4.72
N ASP A 31 -5.50 -0.67 -5.45
CA ASP A 31 -6.34 -1.87 -5.52
C ASP A 31 -5.77 -2.88 -6.51
N GLN A 32 -5.08 -2.38 -7.54
CA GLN A 32 -4.49 -3.24 -8.55
C GLN A 32 -3.37 -4.09 -7.96
N ILE A 33 -2.90 -3.69 -6.79
CA ILE A 33 -1.82 -4.42 -6.12
C ILE A 33 -2.14 -5.91 -6.02
N PRO A 34 -1.16 -6.75 -6.36
CA PRO A 34 -1.31 -8.21 -6.32
C PRO A 34 -1.39 -8.73 -4.89
N ASP A 35 -2.47 -9.45 -4.60
CA ASP A 35 -2.67 -10.02 -3.27
C ASP A 35 -1.67 -11.15 -3.01
N ASP A 36 -1.00 -11.59 -4.06
CA ASP A 36 -0.02 -12.66 -3.95
C ASP A 36 1.30 -12.14 -3.37
N TRP A 37 1.45 -10.82 -3.37
CA TRP A 37 2.66 -10.19 -2.84
C TRP A 37 2.98 -10.71 -1.45
N CYS A 38 4.24 -11.11 -1.25
CA CYS A 38 4.67 -11.63 0.04
C CYS A 38 5.57 -10.62 0.76
N CYS A 39 5.25 -10.34 2.02
CA CYS A 39 6.03 -9.39 2.81
C CYS A 39 6.44 -9.99 4.15
N PRO A 40 7.46 -9.41 4.78
CA PRO A 40 7.96 -9.88 6.07
C PRO A 40 6.99 -9.63 7.21
N ASP A 41 6.48 -8.40 7.29
CA ASP A 41 5.53 -8.03 8.33
C ASP A 41 4.12 -8.48 7.96
N CYS A 42 3.69 -8.11 6.76
CA CYS A 42 2.35 -8.47 6.28
C CYS A 42 2.16 -9.98 6.32
N SER A 43 3.27 -10.73 6.30
CA SER A 43 3.21 -12.18 6.33
C SER A 43 2.31 -12.68 7.46
N VAL A 44 2.40 -12.00 8.60
CA VAL A 44 1.60 -12.37 9.76
C VAL A 44 0.45 -11.39 9.97
N ARG A 45 -0.01 -10.80 8.87
CA ARG A 45 -1.11 -9.84 8.94
C ARG A 45 -2.02 -9.98 7.72
N GLU A 46 -3.19 -9.36 7.79
CA GLU A 46 -4.15 -9.41 6.69
C GLU A 46 -4.04 -8.17 5.81
N LYS A 47 -4.27 -8.34 4.51
CA LYS A 47 -4.20 -7.24 3.56
C LYS A 47 -5.27 -6.20 3.85
N VAL A 48 -6.36 -6.65 4.47
CA VAL A 48 -7.47 -5.76 4.80
C VAL A 48 -7.09 -4.79 5.92
N ASP A 49 -5.93 -5.04 6.53
CA ASP A 49 -5.45 -4.19 7.62
C ASP A 49 -5.21 -2.77 7.12
N PHE A 50 -4.99 -2.63 5.82
CA PHE A 50 -4.74 -1.32 5.23
C PHE A 50 -5.89 -0.36 5.50
N GLU A 51 -5.56 0.82 6.00
CA GLU A 51 -6.56 1.83 6.30
C GLU A 51 -6.34 3.11 5.49
N ARG A 52 -7.42 3.80 5.18
CA ARG A 52 -7.35 5.04 4.41
C ARG A 52 -7.04 6.23 5.31
N MET A 53 -6.20 7.13 4.82
CA MET A 53 -5.82 8.32 5.58
C MET A 53 -6.88 9.41 5.45
N GLY A 54 -6.66 10.52 6.14
CA GLY A 54 -7.61 11.63 6.08
C GLY A 54 -7.21 12.78 6.97
N GLY A 55 -6.20 13.55 6.53
CA GLY A 55 -5.73 14.68 7.30
C GLY A 55 -6.76 15.78 7.40
N LYS A 56 -6.72 16.72 6.46
CA LYS A 56 -7.66 17.84 6.44
C LYS A 56 -8.27 18.01 5.06
N MET A 1 -8.81 11.09 -3.03
CA MET A 1 -7.81 10.08 -3.35
C MET A 1 -7.62 9.11 -2.18
N THR A 2 -7.11 7.92 -2.48
CA THR A 2 -6.89 6.91 -1.46
C THR A 2 -5.48 7.00 -0.90
N ALA A 3 -5.34 6.73 0.40
CA ALA A 3 -4.05 6.77 1.06
C ALA A 3 -3.96 5.74 2.17
N TYR A 4 -3.05 4.77 2.01
CA TYR A 4 -2.87 3.72 2.99
C TYR A 4 -1.48 3.78 3.60
N ARG A 5 -1.43 3.94 4.92
CA ARG A 5 -0.16 4.02 5.64
C ARG A 5 -0.14 3.06 6.82
N CYS A 6 0.54 1.93 6.65
CA CYS A 6 0.64 0.93 7.69
C CYS A 6 1.91 0.10 7.54
N PRO A 7 3.01 0.59 8.13
CA PRO A 7 4.31 -0.09 8.07
C PRO A 7 4.33 -1.37 8.89
N VAL A 8 3.28 -1.59 9.66
CA VAL A 8 3.17 -2.79 10.49
C VAL A 8 3.05 -4.04 9.63
N CYS A 9 2.66 -3.87 8.38
CA CYS A 9 2.52 -4.99 7.46
C CYS A 9 3.49 -4.86 6.28
N ASP A 10 3.39 -3.73 5.58
CA ASP A 10 4.26 -3.49 4.43
C ASP A 10 4.47 -1.99 4.22
N TYR A 11 5.51 -1.65 3.47
CA TYR A 11 5.83 -0.24 3.20
C TYR A 11 4.56 0.53 2.83
N THR A 12 4.61 1.85 3.01
CA THR A 12 3.48 2.70 2.68
C THR A 12 3.75 3.52 1.43
N TYR A 13 2.78 3.57 0.53
CA TYR A 13 2.91 4.32 -0.71
C TYR A 13 1.56 4.86 -1.17
N ASP A 14 1.40 6.17 -1.06
CA ASP A 14 0.16 6.83 -1.46
C ASP A 14 0.00 6.81 -2.97
N GLU A 15 -1.25 6.82 -3.44
CA GLU A 15 -1.53 6.82 -4.87
C GLU A 15 -0.81 7.95 -5.57
N GLY A 16 -0.78 9.11 -4.93
CA GLY A 16 -0.11 10.27 -5.51
C GLY A 16 1.36 10.34 -5.15
N LYS A 17 1.88 9.25 -4.60
CA LYS A 17 3.28 9.18 -4.20
C LYS A 17 4.16 8.70 -5.35
N GLY A 18 3.74 7.62 -5.98
CA GLY A 18 4.49 7.06 -7.10
C GLY A 18 5.49 6.02 -6.66
N ASP A 19 6.75 6.42 -6.55
CA ASP A 19 7.82 5.50 -6.14
C ASP A 19 7.98 4.38 -7.16
N PRO A 20 8.58 4.72 -8.32
CA PRO A 20 8.82 3.75 -9.39
C PRO A 20 9.89 2.73 -9.03
N ARG A 21 10.68 3.04 -8.00
CA ARG A 21 11.74 2.14 -7.56
C ARG A 21 11.15 0.85 -7.01
N GLU A 22 9.90 0.89 -6.57
CA GLU A 22 9.23 -0.28 -6.02
C GLU A 22 8.40 -0.98 -7.09
N GLY A 23 8.80 -0.81 -8.36
CA GLY A 23 8.09 -1.44 -9.45
C GLY A 23 6.71 -0.85 -9.65
N PHE A 24 6.49 0.34 -9.11
CA PHE A 24 5.20 1.01 -9.22
C PHE A 24 5.38 2.51 -9.46
N PRO A 25 5.58 2.88 -10.73
CA PRO A 25 5.77 4.29 -11.11
C PRO A 25 4.50 5.11 -10.97
N ALA A 26 4.56 6.37 -11.39
CA ALA A 26 3.40 7.26 -11.31
C ALA A 26 2.19 6.65 -12.00
N GLY A 27 1.03 6.77 -11.36
CA GLY A 27 -0.20 6.22 -11.93
C GLY A 27 -0.66 4.97 -11.21
N THR A 28 0.29 4.17 -10.74
CA THR A 28 -0.02 2.94 -10.05
C THR A 28 -1.01 3.19 -8.91
N ARG A 29 -2.03 2.34 -8.82
CA ARG A 29 -3.05 2.48 -7.78
C ARG A 29 -2.96 1.32 -6.79
N TRP A 30 -3.51 1.53 -5.60
CA TRP A 30 -3.49 0.50 -4.56
C TRP A 30 -4.35 -0.70 -4.97
N ASP A 31 -5.17 -0.51 -5.99
CA ASP A 31 -6.04 -1.58 -6.49
C ASP A 31 -5.29 -2.47 -7.47
N GLN A 32 -4.29 -1.91 -8.12
CA GLN A 32 -3.49 -2.65 -9.10
C GLN A 32 -2.58 -3.66 -8.41
N ILE A 33 -2.25 -3.38 -7.16
CA ILE A 33 -1.38 -4.27 -6.39
C ILE A 33 -1.88 -5.70 -6.42
N PRO A 34 -0.96 -6.64 -6.68
CA PRO A 34 -1.29 -8.07 -6.75
C PRO A 34 -1.65 -8.65 -5.39
N ASP A 35 -2.76 -9.37 -5.32
CA ASP A 35 -3.22 -9.98 -4.08
C ASP A 35 -2.33 -11.16 -3.70
N ASP A 36 -1.58 -11.67 -4.67
CA ASP A 36 -0.68 -12.80 -4.45
C ASP A 36 0.60 -12.35 -3.77
N TRP A 37 0.86 -11.04 -3.79
CA TRP A 37 2.05 -10.49 -3.17
C TRP A 37 2.18 -10.95 -1.73
N CYS A 38 3.39 -11.35 -1.34
CA CYS A 38 3.64 -11.81 0.02
C CYS A 38 4.72 -10.97 0.69
N CYS A 39 4.37 -10.38 1.84
CA CYS A 39 5.31 -9.54 2.58
C CYS A 39 5.76 -10.24 3.86
N PRO A 40 6.88 -9.76 4.43
CA PRO A 40 7.44 -10.32 5.67
C PRO A 40 6.57 -10.02 6.88
N ASP A 41 6.19 -8.75 7.03
CA ASP A 41 5.37 -8.33 8.16
C ASP A 41 3.90 -8.67 7.90
N CYS A 42 3.38 -8.22 6.76
CA CYS A 42 2.00 -8.47 6.40
C CYS A 42 1.69 -9.96 6.42
N SER A 43 2.73 -10.78 6.27
CA SER A 43 2.57 -12.23 6.26
C SER A 43 1.75 -12.69 7.47
N VAL A 44 1.88 -11.97 8.58
CA VAL A 44 1.15 -12.31 9.79
C VAL A 44 0.18 -11.20 10.18
N ARG A 45 -0.25 -10.42 9.18
CA ARG A 45 -1.18 -9.32 9.42
C ARG A 45 -2.13 -9.16 8.24
N GLU A 46 -3.42 -8.99 8.56
CA GLU A 46 -4.43 -8.82 7.52
C GLU A 46 -4.20 -7.54 6.72
N LYS A 47 -4.42 -7.63 5.41
CA LYS A 47 -4.23 -6.48 4.53
C LYS A 47 -5.22 -5.37 4.87
N VAL A 48 -6.42 -5.75 5.27
CA VAL A 48 -7.45 -4.78 5.64
C VAL A 48 -7.16 -4.14 6.99
N ASP A 49 -6.16 -4.68 7.68
CA ASP A 49 -5.78 -4.16 8.99
C ASP A 49 -5.29 -2.71 8.89
N PHE A 50 -4.93 -2.31 7.67
CA PHE A 50 -4.45 -0.96 7.43
C PHE A 50 -5.46 0.08 7.93
N GLU A 51 -5.05 1.34 7.94
CA GLU A 51 -5.91 2.42 8.40
C GLU A 51 -5.97 3.55 7.37
N ARG A 52 -7.12 3.67 6.71
CA ARG A 52 -7.30 4.71 5.69
C ARG A 52 -7.14 6.10 6.30
N MET A 53 -6.52 7.00 5.54
CA MET A 53 -6.31 8.37 6.00
C MET A 53 -7.19 9.34 5.24
N GLY A 54 -7.91 10.19 5.97
CA GLY A 54 -8.78 11.17 5.35
C GLY A 54 -10.06 11.39 6.12
N GLY A 55 -10.42 12.65 6.30
CA GLY A 55 -11.63 12.98 7.04
C GLY A 55 -12.86 12.98 6.16
N LYS A 56 -12.90 13.93 5.22
CA LYS A 56 -14.03 14.04 4.31
C LYS A 56 -14.16 12.79 3.44
N MET A 1 -9.50 10.65 -3.53
CA MET A 1 -8.52 9.61 -3.84
C MET A 1 -8.30 8.70 -2.64
N THR A 2 -7.79 7.50 -2.91
CA THR A 2 -7.53 6.53 -1.85
C THR A 2 -6.11 6.66 -1.32
N ALA A 3 -5.96 6.45 -0.01
CA ALA A 3 -4.65 6.54 0.63
C ALA A 3 -4.56 5.61 1.84
N TYR A 4 -3.67 4.63 1.76
CA TYR A 4 -3.49 3.67 2.84
C TYR A 4 -2.11 3.81 3.47
N ARG A 5 -2.06 3.78 4.80
CA ARG A 5 -0.80 3.91 5.53
C ARG A 5 -0.76 2.94 6.71
N CYS A 6 -0.03 1.84 6.54
CA CYS A 6 0.10 0.84 7.58
C CYS A 6 1.42 0.08 7.45
N PRO A 7 2.48 0.63 8.05
CA PRO A 7 3.82 0.01 8.02
C PRO A 7 3.89 -1.27 8.84
N VAL A 8 2.87 -1.49 9.68
CA VAL A 8 2.83 -2.68 10.52
C VAL A 8 2.82 -3.95 9.67
N CYS A 9 2.46 -3.81 8.41
CA CYS A 9 2.41 -4.94 7.49
C CYS A 9 3.39 -4.75 6.34
N ASP A 10 3.22 -3.65 5.61
CA ASP A 10 4.10 -3.35 4.48
C ASP A 10 4.22 -1.85 4.27
N TYR A 11 5.24 -1.43 3.54
CA TYR A 11 5.48 -0.02 3.27
C TYR A 11 4.18 0.67 2.85
N THR A 12 4.15 1.99 3.02
CA THR A 12 2.97 2.77 2.65
C THR A 12 3.23 3.60 1.39
N TYR A 13 2.27 3.58 0.48
CA TYR A 13 2.40 4.33 -0.77
C TYR A 13 1.04 4.80 -1.26
N ASP A 14 0.80 6.10 -1.17
CA ASP A 14 -0.47 6.68 -1.61
C ASP A 14 -0.59 6.64 -3.13
N GLU A 15 -1.82 6.63 -3.62
CA GLU A 15 -2.07 6.59 -5.06
C GLU A 15 -1.32 7.71 -5.77
N GLY A 16 -1.35 8.90 -5.17
CA GLY A 16 -0.68 10.04 -5.76
C GLY A 16 0.77 10.15 -5.33
N LYS A 17 1.28 9.10 -4.71
CA LYS A 17 2.67 9.07 -4.24
C LYS A 17 3.60 8.60 -5.34
N GLY A 18 3.25 7.50 -5.98
CA GLY A 18 4.07 6.96 -7.05
C GLY A 18 5.07 5.94 -6.56
N ASP A 19 6.28 6.39 -6.22
CA ASP A 19 7.33 5.51 -5.74
C ASP A 19 7.66 4.44 -6.77
N PRO A 20 8.37 4.85 -7.84
CA PRO A 20 8.77 3.95 -8.92
C PRO A 20 9.83 2.95 -8.48
N ARG A 21 10.46 3.23 -7.33
CA ARG A 21 11.50 2.35 -6.81
C ARG A 21 10.92 0.98 -6.44
N GLU A 22 9.62 0.94 -6.19
CA GLU A 22 8.95 -0.31 -5.84
C GLU A 22 8.32 -0.96 -7.07
N GLY A 23 8.88 -0.66 -8.23
CA GLY A 23 8.35 -1.22 -9.47
C GLY A 23 6.98 -0.68 -9.81
N PHE A 24 6.59 0.41 -9.17
CA PHE A 24 5.30 1.02 -9.41
C PHE A 24 5.43 2.55 -9.53
N PRO A 25 5.76 3.02 -10.74
CA PRO A 25 5.92 4.44 -11.01
C PRO A 25 4.60 5.20 -10.99
N ALA A 26 4.64 6.48 -11.31
CA ALA A 26 3.44 7.31 -11.32
C ALA A 26 2.33 6.68 -12.15
N GLY A 27 1.14 6.62 -11.59
CA GLY A 27 0.02 6.02 -12.30
C GLY A 27 -0.46 4.74 -11.66
N THR A 28 0.24 4.30 -10.62
CA THR A 28 -0.11 3.06 -9.93
C THR A 28 -1.09 3.33 -8.78
N ARG A 29 -2.01 2.41 -8.57
CA ARG A 29 -3.00 2.54 -7.51
C ARG A 29 -2.96 1.34 -6.57
N TRP A 30 -3.62 1.48 -5.42
CA TRP A 30 -3.66 0.40 -4.44
C TRP A 30 -4.40 -0.82 -4.99
N ASP A 31 -5.14 -0.61 -6.08
CA ASP A 31 -5.90 -1.68 -6.71
C ASP A 31 -5.01 -2.51 -7.63
N GLN A 32 -4.04 -1.85 -8.25
CA GLN A 32 -3.13 -2.52 -9.17
C GLN A 32 -2.27 -3.54 -8.42
N ILE A 33 -2.03 -3.29 -7.14
CA ILE A 33 -1.22 -4.19 -6.32
C ILE A 33 -1.72 -5.63 -6.43
N PRO A 34 -0.78 -6.56 -6.63
CA PRO A 34 -1.09 -7.98 -6.76
C PRO A 34 -1.55 -8.60 -5.43
N ASP A 35 -2.69 -9.28 -5.47
CA ASP A 35 -3.24 -9.91 -4.28
C ASP A 35 -2.30 -11.00 -3.77
N ASP A 36 -1.38 -11.42 -4.61
CA ASP A 36 -0.42 -12.46 -4.23
C ASP A 36 0.89 -11.85 -3.74
N TRP A 37 0.80 -10.62 -3.23
CA TRP A 37 1.97 -9.91 -2.72
C TRP A 37 2.35 -10.43 -1.33
N CYS A 38 3.53 -11.01 -1.23
CA CYS A 38 4.01 -11.55 0.05
C CYS A 38 4.99 -10.57 0.71
N CYS A 39 4.73 -10.26 1.98
CA CYS A 39 5.58 -9.35 2.72
C CYS A 39 6.06 -9.98 4.02
N PRO A 40 7.14 -9.42 4.60
CA PRO A 40 7.72 -9.92 5.85
C PRO A 40 6.82 -9.67 7.05
N ASP A 41 6.36 -8.44 7.19
CA ASP A 41 5.48 -8.06 8.29
C ASP A 41 4.04 -8.49 8.02
N CYS A 42 3.51 -8.11 6.86
CA CYS A 42 2.16 -8.46 6.48
C CYS A 42 1.96 -9.97 6.51
N SER A 43 3.05 -10.71 6.40
CA SER A 43 2.99 -12.17 6.41
C SER A 43 2.19 -12.68 7.61
N VAL A 44 2.24 -11.93 8.71
CA VAL A 44 1.52 -12.30 9.91
C VAL A 44 0.47 -11.26 10.26
N ARG A 45 -0.04 -10.57 9.24
CA ARG A 45 -1.06 -9.54 9.44
C ARG A 45 -2.00 -9.48 8.23
N GLU A 46 -3.30 -9.57 8.51
CA GLU A 46 -4.30 -9.52 7.45
C GLU A 46 -4.28 -8.15 6.75
N LYS A 47 -4.46 -8.17 5.43
CA LYS A 47 -4.47 -6.95 4.65
C LYS A 47 -5.54 -5.99 5.15
N VAL A 48 -6.58 -6.54 5.75
CA VAL A 48 -7.67 -5.73 6.28
C VAL A 48 -7.18 -4.77 7.36
N ASP A 49 -6.00 -5.06 7.91
CA ASP A 49 -5.42 -4.22 8.95
C ASP A 49 -5.13 -2.82 8.41
N PHE A 50 -5.05 -2.70 7.08
CA PHE A 50 -4.77 -1.42 6.45
C PHE A 50 -5.99 -0.50 6.52
N GLU A 51 -5.76 0.75 6.91
CA GLU A 51 -6.84 1.72 7.03
C GLU A 51 -6.58 2.93 6.13
N ARG A 52 -7.65 3.58 5.70
CA ARG A 52 -7.55 4.75 4.83
C ARG A 52 -7.23 6.00 5.64
N MET A 53 -6.08 6.60 5.37
CA MET A 53 -5.66 7.81 6.07
C MET A 53 -6.59 8.97 5.76
N GLY A 54 -6.77 9.87 6.73
CA GLY A 54 -7.63 11.01 6.53
C GLY A 54 -6.86 12.29 6.25
N GLY A 55 -7.26 13.37 6.92
CA GLY A 55 -6.59 14.65 6.72
C GLY A 55 -7.18 15.76 7.56
N LYS A 56 -7.17 15.57 8.88
CA LYS A 56 -7.72 16.56 9.80
C LYS A 56 -6.93 16.57 11.10
N MET A 1 -9.07 11.17 -2.81
CA MET A 1 -8.00 10.25 -3.22
C MET A 1 -7.76 9.19 -2.15
N THR A 2 -7.24 8.04 -2.56
CA THR A 2 -6.95 6.95 -1.63
C THR A 2 -5.53 7.04 -1.11
N ALA A 3 -5.34 6.66 0.15
CA ALA A 3 -4.02 6.69 0.77
C ALA A 3 -3.90 5.64 1.87
N TYR A 4 -3.01 4.67 1.66
CA TYR A 4 -2.80 3.60 2.63
C TYR A 4 -1.43 3.72 3.30
N ARG A 5 -1.43 3.71 4.63
CA ARG A 5 -0.19 3.82 5.39
C ARG A 5 -0.20 2.87 6.58
N CYS A 6 0.52 1.75 6.45
CA CYS A 6 0.59 0.77 7.53
C CYS A 6 1.89 -0.03 7.45
N PRO A 7 2.94 0.49 8.07
CA PRO A 7 4.26 -0.16 8.08
C PRO A 7 4.28 -1.43 8.92
N VAL A 8 3.19 -1.67 9.64
CA VAL A 8 3.07 -2.85 10.47
C VAL A 8 2.95 -4.12 9.63
N CYS A 9 2.57 -3.95 8.36
CA CYS A 9 2.43 -5.07 7.45
C CYS A 9 3.40 -4.96 6.28
N ASP A 10 3.37 -3.80 5.62
CA ASP A 10 4.25 -3.57 4.48
C ASP A 10 4.48 -2.07 4.27
N TYR A 11 5.53 -1.73 3.54
CA TYR A 11 5.86 -0.34 3.26
C TYR A 11 4.61 0.44 2.84
N THR A 12 4.67 1.76 3.02
CA THR A 12 3.54 2.62 2.66
C THR A 12 3.85 3.43 1.40
N TYR A 13 2.90 3.45 0.47
CA TYR A 13 3.08 4.19 -0.78
C TYR A 13 1.74 4.73 -1.28
N ASP A 14 1.51 6.02 -1.08
CA ASP A 14 0.28 6.65 -1.51
C ASP A 14 0.22 6.76 -3.04
N GLU A 15 -0.98 6.65 -3.59
CA GLU A 15 -1.17 6.74 -5.03
C GLU A 15 -0.50 7.99 -5.60
N GLY A 16 -0.89 9.15 -5.07
CA GLY A 16 -0.32 10.40 -5.53
C GLY A 16 1.19 10.45 -5.37
N LYS A 17 1.72 9.60 -4.51
CA LYS A 17 3.16 9.55 -4.27
C LYS A 17 3.87 8.86 -5.44
N GLY A 18 3.35 7.72 -5.86
CA GLY A 18 3.95 6.99 -6.96
C GLY A 18 4.92 5.93 -6.48
N ASP A 19 6.17 6.34 -6.26
CA ASP A 19 7.20 5.40 -5.80
C ASP A 19 7.46 4.33 -6.84
N PRO A 20 8.14 4.70 -7.93
CA PRO A 20 8.47 3.78 -9.02
C PRO A 20 9.51 2.75 -8.61
N ARG A 21 10.19 3.01 -7.50
CA ARG A 21 11.22 2.10 -7.00
C ARG A 21 10.63 0.72 -6.71
N GLU A 22 9.35 0.69 -6.39
CA GLU A 22 8.66 -0.57 -6.09
C GLU A 22 7.95 -1.11 -7.32
N GLY A 23 8.45 -0.74 -8.49
CA GLY A 23 7.85 -1.19 -9.74
C GLY A 23 6.47 -0.60 -9.96
N PHE A 24 6.18 0.49 -9.27
CA PHE A 24 4.89 1.16 -9.40
C PHE A 24 5.06 2.67 -9.53
N PRO A 25 5.31 3.14 -10.76
CA PRO A 25 5.51 4.56 -11.05
C PRO A 25 4.22 5.36 -10.90
N ALA A 26 4.30 6.67 -11.14
CA ALA A 26 3.15 7.54 -11.04
C ALA A 26 1.98 7.01 -11.85
N GLY A 27 0.82 6.89 -11.21
CA GLY A 27 -0.36 6.38 -11.90
C GLY A 27 -0.81 5.05 -11.36
N THR A 28 0.14 4.19 -11.03
CA THR A 28 -0.17 2.87 -10.50
C THR A 28 -1.08 2.96 -9.29
N ARG A 29 -2.34 2.54 -9.46
CA ARG A 29 -3.30 2.58 -8.38
C ARG A 29 -3.07 1.44 -7.39
N TRP A 30 -3.36 1.69 -6.12
CA TRP A 30 -3.18 0.68 -5.09
C TRP A 30 -3.88 -0.62 -5.46
N ASP A 31 -5.06 -0.51 -6.04
CA ASP A 31 -5.83 -1.68 -6.46
C ASP A 31 -5.02 -2.54 -7.43
N GLN A 32 -4.15 -1.90 -8.19
CA GLN A 32 -3.32 -2.61 -9.15
C GLN A 32 -2.38 -3.59 -8.45
N ILE A 33 -1.96 -3.23 -7.25
CA ILE A 33 -1.06 -4.09 -6.48
C ILE A 33 -1.60 -5.50 -6.38
N PRO A 34 -0.72 -6.49 -6.62
CA PRO A 34 -1.09 -7.91 -6.57
C PRO A 34 -1.37 -8.38 -5.14
N ASP A 35 -2.57 -8.89 -4.91
CA ASP A 35 -2.96 -9.38 -3.59
C ASP A 35 -2.17 -10.63 -3.22
N ASP A 36 -1.51 -11.23 -4.22
CA ASP A 36 -0.72 -12.43 -3.99
C ASP A 36 0.63 -12.08 -3.37
N TRP A 37 1.02 -10.82 -3.48
CA TRP A 37 2.30 -10.36 -2.93
C TRP A 37 2.43 -10.76 -1.47
N CYS A 38 3.59 -11.34 -1.13
CA CYS A 38 3.85 -11.78 0.23
C CYS A 38 4.83 -10.83 0.93
N CYS A 39 4.58 -10.56 2.20
CA CYS A 39 5.44 -9.67 2.98
C CYS A 39 5.85 -10.33 4.29
N PRO A 40 6.92 -9.79 4.91
CA PRO A 40 7.43 -10.31 6.19
C PRO A 40 6.48 -10.03 7.35
N ASP A 41 6.05 -8.79 7.47
CA ASP A 41 5.15 -8.39 8.54
C ASP A 41 3.70 -8.73 8.19
N CYS A 42 3.27 -8.28 7.01
CA CYS A 42 1.91 -8.54 6.55
C CYS A 42 1.60 -10.03 6.56
N SER A 43 2.65 -10.84 6.50
CA SER A 43 2.49 -12.30 6.49
C SER A 43 1.58 -12.74 7.63
N VAL A 44 1.62 -12.02 8.73
CA VAL A 44 0.80 -12.34 9.89
C VAL A 44 -0.18 -11.21 10.21
N ARG A 45 -0.46 -10.39 9.20
CA ARG A 45 -1.39 -9.28 9.37
C ARG A 45 -2.24 -9.08 8.11
N GLU A 46 -3.55 -9.18 8.28
CA GLU A 46 -4.48 -9.02 7.15
C GLU A 46 -4.24 -7.69 6.44
N LYS A 47 -4.35 -7.71 5.12
CA LYS A 47 -4.15 -6.51 4.32
C LYS A 47 -5.14 -5.43 4.70
N VAL A 48 -6.30 -5.85 5.19
CA VAL A 48 -7.35 -4.91 5.60
C VAL A 48 -6.99 -4.23 6.92
N ASP A 49 -5.95 -4.73 7.57
CA ASP A 49 -5.50 -4.16 8.83
C ASP A 49 -5.05 -2.71 8.65
N PHE A 50 -4.73 -2.35 7.42
CA PHE A 50 -4.28 -1.00 7.11
C PHE A 50 -5.26 0.04 7.65
N GLU A 51 -4.87 1.30 7.59
CA GLU A 51 -5.71 2.39 8.08
C GLU A 51 -5.66 3.58 7.14
N ARG A 52 -6.75 3.81 6.42
CA ARG A 52 -6.84 4.91 5.48
C ARG A 52 -6.64 6.25 6.18
N MET A 53 -5.82 7.11 5.61
CA MET A 53 -5.54 8.42 6.18
C MET A 53 -6.44 9.49 5.56
N GLY A 54 -7.01 10.34 6.41
CA GLY A 54 -7.89 11.39 5.91
C GLY A 54 -9.32 10.94 5.79
N GLY A 55 -10.24 11.71 6.38
CA GLY A 55 -11.65 11.37 6.33
C GLY A 55 -12.54 12.59 6.35
N LYS A 56 -12.92 13.06 5.16
CA LYS A 56 -13.78 14.23 5.05
C LYS A 56 -15.25 13.81 4.91
N MET A 1 -8.59 12.18 -2.78
CA MET A 1 -7.67 11.16 -3.26
C MET A 1 -7.50 10.04 -2.22
N THR A 2 -7.06 8.88 -2.69
CA THR A 2 -6.84 7.74 -1.81
C THR A 2 -5.42 7.71 -1.27
N ALA A 3 -5.27 7.28 -0.02
CA ALA A 3 -3.96 7.20 0.61
C ALA A 3 -3.94 6.13 1.69
N TYR A 4 -3.13 5.09 1.47
CA TYR A 4 -3.01 4.00 2.43
C TYR A 4 -1.63 3.99 3.09
N ARG A 5 -1.61 4.17 4.40
CA ARG A 5 -0.36 4.18 5.15
C ARG A 5 -0.42 3.19 6.30
N CYS A 6 0.29 2.06 6.14
CA CYS A 6 0.32 1.03 7.17
C CYS A 6 1.62 0.23 7.09
N PRO A 7 2.66 0.70 7.77
CA PRO A 7 3.97 0.05 7.78
C PRO A 7 3.94 -1.27 8.55
N VAL A 8 2.83 -1.54 9.22
CA VAL A 8 2.68 -2.76 10.01
C VAL A 8 2.68 -3.99 9.10
N CYS A 9 2.40 -3.78 7.81
CA CYS A 9 2.37 -4.85 6.85
C CYS A 9 3.40 -4.63 5.74
N ASP A 10 3.32 -3.47 5.10
CA ASP A 10 4.25 -3.14 4.02
C ASP A 10 4.41 -1.62 3.89
N TYR A 11 5.48 -1.20 3.24
CA TYR A 11 5.75 0.22 3.05
C TYR A 11 4.50 0.94 2.56
N THR A 12 4.46 2.25 2.78
CA THR A 12 3.33 3.06 2.37
C THR A 12 3.69 3.95 1.17
N TYR A 13 2.80 4.00 0.19
CA TYR A 13 3.03 4.80 -1.01
C TYR A 13 1.71 5.32 -1.57
N ASP A 14 1.50 6.63 -1.43
CA ASP A 14 0.27 7.25 -1.93
C ASP A 14 0.26 7.29 -3.45
N GLU A 15 -0.93 7.21 -4.04
CA GLU A 15 -1.07 7.25 -5.48
C GLU A 15 -0.33 8.44 -6.08
N GLY A 16 -0.67 9.64 -5.60
CA GLY A 16 -0.04 10.83 -6.10
C GLY A 16 1.47 10.83 -5.89
N LYS A 17 1.93 9.98 -4.99
CA LYS A 17 3.36 9.87 -4.69
C LYS A 17 4.06 9.00 -5.73
N GLY A 18 3.48 7.84 -6.01
CA GLY A 18 4.07 6.94 -6.99
C GLY A 18 5.03 5.96 -6.36
N ASP A 19 6.28 6.39 -6.20
CA ASP A 19 7.31 5.56 -5.61
C ASP A 19 7.58 4.33 -6.48
N PRO A 20 8.25 4.55 -7.61
CA PRO A 20 8.59 3.48 -8.55
C PRO A 20 9.64 2.52 -8.00
N ARG A 21 10.39 2.98 -7.01
CA ARG A 21 11.43 2.17 -6.39
C ARG A 21 10.83 0.91 -5.78
N GLU A 22 9.56 0.96 -5.44
CA GLU A 22 8.86 -0.18 -4.84
C GLU A 22 8.14 -0.99 -5.91
N GLY A 23 8.63 -0.91 -7.15
CA GLY A 23 8.02 -1.65 -8.24
C GLY A 23 6.63 -1.11 -8.59
N PHE A 24 6.34 0.10 -8.13
CA PHE A 24 5.04 0.72 -8.40
C PHE A 24 5.20 2.19 -8.76
N PRO A 25 5.49 2.46 -10.05
CA PRO A 25 5.68 3.82 -10.55
C PRO A 25 4.37 4.62 -10.56
N ALA A 26 4.46 5.88 -10.95
CA ALA A 26 3.29 6.75 -11.02
C ALA A 26 2.16 6.10 -11.80
N GLY A 27 0.99 6.00 -11.19
CA GLY A 27 -0.15 5.39 -11.84
C GLY A 27 -0.59 4.11 -11.18
N THR A 28 0.37 3.37 -10.63
CA THR A 28 0.07 2.11 -9.95
C THR A 28 -1.02 2.29 -8.91
N ARG A 29 -2.21 1.75 -9.20
CA ARG A 29 -3.34 1.85 -8.28
C ARG A 29 -3.13 0.95 -7.07
N TRP A 30 -3.43 1.48 -5.88
CA TRP A 30 -3.29 0.72 -4.65
C TRP A 30 -4.04 -0.60 -4.72
N ASP A 31 -5.16 -0.59 -5.43
CA ASP A 31 -5.99 -1.78 -5.58
C ASP A 31 -5.36 -2.75 -6.59
N GLN A 32 -4.58 -2.21 -7.52
CA GLN A 32 -3.92 -3.02 -8.53
C GLN A 32 -2.94 -3.99 -7.90
N ILE A 33 -2.47 -3.67 -6.70
CA ILE A 33 -1.52 -4.52 -5.99
C ILE A 33 -2.03 -5.96 -5.91
N PRO A 34 -1.14 -6.91 -6.23
CA PRO A 34 -1.47 -8.34 -6.21
C PRO A 34 -1.68 -8.86 -4.79
N ASP A 35 -2.86 -9.43 -4.54
CA ASP A 35 -3.18 -9.97 -3.22
C ASP A 35 -2.40 -11.25 -2.96
N ASP A 36 -1.86 -11.84 -4.02
CA ASP A 36 -1.09 -13.08 -3.91
C ASP A 36 0.32 -12.79 -3.41
N TRP A 37 0.78 -11.56 -3.61
CA TRP A 37 2.11 -11.16 -3.17
C TRP A 37 2.34 -11.48 -1.71
N CYS A 38 3.57 -11.78 -1.34
CA CYS A 38 3.91 -12.10 0.04
C CYS A 38 4.90 -11.08 0.61
N CYS A 39 4.50 -10.44 1.70
CA CYS A 39 5.35 -9.44 2.35
C CYS A 39 5.92 -9.96 3.66
N PRO A 40 6.99 -9.32 4.15
CA PRO A 40 7.65 -9.71 5.40
C PRO A 40 6.80 -9.41 6.62
N ASP A 41 6.28 -8.19 6.69
CA ASP A 41 5.44 -7.77 7.81
C ASP A 41 4.00 -8.23 7.61
N CYS A 42 3.46 -7.93 6.43
CA CYS A 42 2.08 -8.30 6.11
C CYS A 42 1.88 -9.81 6.26
N SER A 43 2.97 -10.56 6.17
CA SER A 43 2.91 -12.01 6.29
C SER A 43 2.15 -12.42 7.54
N VAL A 44 2.34 -11.67 8.63
CA VAL A 44 1.68 -11.96 9.88
C VAL A 44 0.53 -10.98 10.14
N ARG A 45 -0.08 -10.52 9.06
CA ARG A 45 -1.20 -9.57 9.16
C ARG A 45 -2.13 -9.72 7.96
N GLU A 46 -3.32 -9.12 8.07
CA GLU A 46 -4.31 -9.18 7.01
C GLU A 46 -4.27 -7.91 6.16
N LYS A 47 -4.52 -8.06 4.86
CA LYS A 47 -4.52 -6.93 3.94
C LYS A 47 -5.51 -5.86 4.39
N VAL A 48 -6.52 -6.28 5.15
CA VAL A 48 -7.54 -5.37 5.64
C VAL A 48 -6.95 -4.38 6.63
N ASP A 49 -5.74 -4.66 7.11
CA ASP A 49 -5.06 -3.79 8.06
C ASP A 49 -4.80 -2.42 7.45
N PHE A 50 -4.71 -2.37 6.13
CA PHE A 50 -4.46 -1.11 5.41
C PHE A 50 -5.62 -0.14 5.62
N GLU A 51 -5.33 0.99 6.27
CA GLU A 51 -6.35 2.00 6.53
C GLU A 51 -6.06 3.27 5.74
N ARG A 52 -7.06 4.12 5.59
CA ARG A 52 -6.92 5.37 4.86
C ARG A 52 -6.72 6.54 5.82
N MET A 53 -5.89 7.50 5.42
CA MET A 53 -5.60 8.65 6.25
C MET A 53 -6.71 9.71 6.11
N GLY A 54 -7.05 10.36 7.22
CA GLY A 54 -8.09 11.36 7.19
C GLY A 54 -9.33 10.95 7.96
N GLY A 55 -9.80 11.82 8.85
CA GLY A 55 -10.98 11.51 9.64
C GLY A 55 -11.99 12.64 9.63
N LYS A 56 -12.41 13.04 8.43
CA LYS A 56 -13.37 14.13 8.28
C LYS A 56 -12.91 15.38 9.00
N MET A 1 -8.37 12.11 -2.45
CA MET A 1 -7.60 10.97 -2.93
C MET A 1 -7.48 9.90 -1.85
N THR A 2 -7.17 8.68 -2.27
CA THR A 2 -7.02 7.57 -1.33
C THR A 2 -5.58 7.43 -0.87
N ALA A 3 -5.40 7.07 0.40
CA ALA A 3 -4.07 6.89 0.97
C ALA A 3 -4.08 5.86 2.09
N TYR A 4 -3.37 4.75 1.88
CA TYR A 4 -3.30 3.68 2.86
C TYR A 4 -1.90 3.58 3.46
N ARG A 5 -1.83 3.70 4.78
CA ARG A 5 -0.55 3.62 5.48
C ARG A 5 -0.63 2.65 6.65
N CYS A 6 0.10 1.54 6.53
CA CYS A 6 0.11 0.52 7.57
C CYS A 6 1.42 -0.27 7.54
N PRO A 7 2.43 0.25 8.26
CA PRO A 7 3.75 -0.39 8.34
C PRO A 7 3.72 -1.70 9.13
N VAL A 8 2.65 -1.89 9.89
CA VAL A 8 2.50 -3.10 10.70
C VAL A 8 2.48 -4.35 9.82
N CYS A 9 2.21 -4.16 8.53
CA CYS A 9 2.17 -5.27 7.59
C CYS A 9 3.22 -5.10 6.51
N ASP A 10 3.16 -3.98 5.80
CA ASP A 10 4.13 -3.69 4.74
C ASP A 10 4.26 -2.19 4.51
N TYR A 11 5.34 -1.79 3.85
CA TYR A 11 5.58 -0.38 3.57
C TYR A 11 4.34 0.30 3.03
N THR A 12 4.26 1.62 3.18
CA THR A 12 3.12 2.38 2.70
C THR A 12 3.48 3.20 1.46
N TYR A 13 2.57 3.24 0.50
CA TYR A 13 2.79 3.98 -0.74
C TYR A 13 1.48 4.53 -1.29
N ASP A 14 1.29 5.84 -1.15
CA ASP A 14 0.07 6.48 -1.63
C ASP A 14 0.04 6.51 -3.16
N GLU A 15 -1.09 6.16 -3.74
CA GLU A 15 -1.25 6.15 -5.18
C GLU A 15 -0.91 7.50 -5.78
N GLY A 16 -1.20 8.57 -5.03
CA GLY A 16 -0.92 9.92 -5.50
C GLY A 16 0.48 10.37 -5.14
N LYS A 17 1.32 9.43 -4.70
CA LYS A 17 2.69 9.75 -4.32
C LYS A 17 3.63 9.62 -5.50
N GLY A 18 3.52 8.51 -6.23
CA GLY A 18 4.37 8.28 -7.38
C GLY A 18 5.72 7.71 -7.00
N ASP A 19 5.75 6.41 -6.75
CA ASP A 19 7.00 5.74 -6.39
C ASP A 19 7.43 4.75 -7.46
N PRO A 20 7.96 5.29 -8.57
CA PRO A 20 8.41 4.47 -9.70
C PRO A 20 9.67 3.68 -9.38
N ARG A 21 10.26 3.97 -8.21
CA ARG A 21 11.47 3.28 -7.79
C ARG A 21 11.14 1.90 -7.23
N GLU A 22 9.90 1.72 -6.79
CA GLU A 22 9.47 0.44 -6.24
C GLU A 22 8.66 -0.35 -7.27
N GLY A 23 8.86 -0.02 -8.53
CA GLY A 23 8.15 -0.70 -9.60
C GLY A 23 6.71 -0.25 -9.72
N PHE A 24 6.42 0.95 -9.21
CA PHE A 24 5.07 1.49 -9.26
C PHE A 24 5.10 2.99 -9.51
N PRO A 25 5.20 3.38 -10.79
CA PRO A 25 5.24 4.79 -11.19
C PRO A 25 3.90 5.49 -10.98
N ALA A 26 3.86 6.78 -11.33
CA ALA A 26 2.64 7.56 -11.17
C ALA A 26 1.45 6.87 -11.82
N GLY A 27 0.28 7.03 -11.22
CA GLY A 27 -0.92 6.40 -11.76
C GLY A 27 -1.21 5.05 -11.12
N THR A 28 -0.16 4.39 -10.65
CA THR A 28 -0.30 3.08 -10.02
C THR A 28 -1.09 3.19 -8.72
N ARG A 29 -2.32 2.67 -8.74
CA ARG A 29 -3.17 2.71 -7.55
C ARG A 29 -2.93 1.49 -6.67
N TRP A 30 -3.08 1.66 -5.36
CA TRP A 30 -2.89 0.57 -4.41
C TRP A 30 -3.70 -0.65 -4.81
N ASP A 31 -4.82 -0.42 -5.47
CA ASP A 31 -5.69 -1.52 -5.91
C ASP A 31 -4.95 -2.43 -6.88
N GLN A 32 -4.11 -1.83 -7.73
CA GLN A 32 -3.36 -2.59 -8.71
C GLN A 32 -2.39 -3.56 -8.03
N ILE A 33 -1.96 -3.19 -6.82
CA ILE A 33 -1.04 -4.03 -6.06
C ILE A 33 -1.54 -5.47 -5.97
N PRO A 34 -0.63 -6.43 -6.24
CA PRO A 34 -0.96 -7.85 -6.19
C PRO A 34 -1.21 -8.34 -4.78
N ASP A 35 -2.44 -8.77 -4.50
CA ASP A 35 -2.81 -9.26 -3.18
C ASP A 35 -2.09 -10.57 -2.88
N ASP A 36 -1.51 -11.17 -3.91
CA ASP A 36 -0.79 -12.44 -3.75
C ASP A 36 0.60 -12.21 -3.16
N TRP A 37 1.08 -10.98 -3.29
CA TRP A 37 2.40 -10.64 -2.78
C TRP A 37 2.54 -11.04 -1.32
N CYS A 38 3.66 -11.67 -0.99
CA CYS A 38 3.92 -12.12 0.38
C CYS A 38 4.90 -11.18 1.08
N CYS A 39 4.53 -10.75 2.28
CA CYS A 39 5.38 -9.84 3.06
C CYS A 39 5.78 -10.48 4.39
N PRO A 40 6.84 -9.95 5.00
CA PRO A 40 7.35 -10.44 6.28
C PRO A 40 6.40 -10.13 7.44
N ASP A 41 5.98 -8.88 7.53
CA ASP A 41 5.07 -8.44 8.59
C ASP A 41 3.63 -8.82 8.25
N CYS A 42 3.19 -8.43 7.07
CA CYS A 42 1.83 -8.72 6.62
C CYS A 42 1.55 -10.22 6.68
N SER A 43 2.61 -11.02 6.63
CA SER A 43 2.48 -12.47 6.68
C SER A 43 1.60 -12.90 7.84
N VAL A 44 1.63 -12.12 8.92
CA VAL A 44 0.84 -12.42 10.11
C VAL A 44 -0.32 -11.44 10.26
N ARG A 45 -0.21 -10.30 9.58
CA ARG A 45 -1.24 -9.27 9.65
C ARG A 45 -2.07 -9.25 8.36
N GLU A 46 -3.36 -9.53 8.50
CA GLU A 46 -4.26 -9.55 7.35
C GLU A 46 -4.16 -8.25 6.56
N LYS A 47 -4.23 -8.35 5.24
CA LYS A 47 -4.16 -7.18 4.37
C LYS A 47 -5.26 -6.19 4.71
N VAL A 48 -6.33 -6.68 5.31
CA VAL A 48 -7.46 -5.84 5.70
C VAL A 48 -7.05 -4.84 6.78
N ASP A 49 -5.91 -5.09 7.40
CA ASP A 49 -5.41 -4.22 8.46
C ASP A 49 -5.14 -2.80 7.93
N PHE A 50 -5.00 -2.70 6.61
CA PHE A 50 -4.74 -1.40 5.98
C PHE A 50 -5.88 -0.43 6.26
N GLU A 51 -5.52 0.75 6.77
CA GLU A 51 -6.51 1.78 7.08
C GLU A 51 -6.16 3.10 6.41
N ARG A 52 -7.16 3.77 5.87
CA ARG A 52 -6.96 5.04 5.20
C ARG A 52 -6.39 6.07 6.15
N MET A 53 -5.52 6.93 5.64
CA MET A 53 -4.90 7.98 6.46
C MET A 53 -5.05 9.35 5.80
N GLY A 54 -5.82 10.22 6.44
CA GLY A 54 -6.03 11.55 5.90
C GLY A 54 -6.87 11.54 4.65
N GLY A 55 -8.19 11.64 4.81
CA GLY A 55 -9.08 11.64 3.66
C GLY A 55 -9.37 13.03 3.15
N LYS A 56 -10.26 13.74 3.85
CA LYS A 56 -10.62 15.10 3.46
C LYS A 56 -9.44 16.05 3.64
N MET A 1 -8.80 11.87 -1.87
CA MET A 1 -7.86 10.88 -2.42
C MET A 1 -7.65 9.72 -1.45
N THR A 2 -7.19 8.60 -1.97
CA THR A 2 -6.95 7.41 -1.15
C THR A 2 -5.52 7.38 -0.64
N ALA A 3 -5.34 6.89 0.58
CA ALA A 3 -4.01 6.81 1.19
C ALA A 3 -3.95 5.67 2.20
N TYR A 4 -3.13 4.68 1.92
CA TYR A 4 -2.97 3.53 2.82
C TYR A 4 -1.59 3.52 3.46
N ARG A 5 -1.54 3.88 4.73
CA ARG A 5 -0.28 3.92 5.47
C ARG A 5 -0.28 2.90 6.60
N CYS A 6 0.43 1.80 6.40
CA CYS A 6 0.51 0.75 7.42
C CYS A 6 1.82 -0.03 7.28
N PRO A 7 2.87 0.46 7.97
CA PRO A 7 4.19 -0.17 7.95
C PRO A 7 4.21 -1.50 8.69
N VAL A 8 3.12 -1.81 9.38
CA VAL A 8 3.00 -3.05 10.13
C VAL A 8 2.98 -4.25 9.20
N CYS A 9 2.66 -4.01 7.93
CA CYS A 9 2.60 -5.09 6.94
C CYS A 9 3.59 -4.82 5.81
N ASP A 10 3.49 -3.65 5.20
CA ASP A 10 4.38 -3.29 4.10
C ASP A 10 4.52 -1.77 4.00
N TYR A 11 5.58 -1.33 3.32
CA TYR A 11 5.84 0.10 3.16
C TYR A 11 4.56 0.83 2.72
N THR A 12 4.53 2.13 2.97
CA THR A 12 3.37 2.95 2.60
C THR A 12 3.70 3.85 1.43
N TYR A 13 2.80 3.91 0.46
CA TYR A 13 2.99 4.74 -0.72
C TYR A 13 1.66 5.25 -1.26
N ASP A 14 1.40 6.54 -1.06
CA ASP A 14 0.16 7.15 -1.52
C ASP A 14 0.14 7.26 -3.04
N GLU A 15 -1.02 6.99 -3.63
CA GLU A 15 -1.17 7.05 -5.08
C GLU A 15 -0.75 8.42 -5.61
N GLY A 16 -1.11 9.47 -4.87
CA GLY A 16 -0.77 10.82 -5.28
C GLY A 16 0.66 11.19 -4.95
N LYS A 17 1.39 10.24 -4.35
CA LYS A 17 2.78 10.46 -3.98
C LYS A 17 3.71 9.63 -4.86
N GLY A 18 3.27 8.44 -5.23
CA GLY A 18 4.07 7.57 -6.07
C GLY A 18 5.14 6.83 -5.28
N ASP A 19 5.64 5.75 -5.84
CA ASP A 19 6.67 4.95 -5.18
C ASP A 19 7.15 3.82 -6.09
N PRO A 20 7.94 4.18 -7.11
CA PRO A 20 8.47 3.20 -8.07
C PRO A 20 9.52 2.29 -7.44
N ARG A 21 9.93 2.61 -6.22
CA ARG A 21 10.93 1.82 -5.51
C ARG A 21 10.45 0.38 -5.32
N GLU A 22 9.13 0.19 -5.33
CA GLU A 22 8.55 -1.13 -5.16
C GLU A 22 7.94 -1.62 -6.47
N GLY A 23 8.43 -1.10 -7.59
CA GLY A 23 7.93 -1.50 -8.89
C GLY A 23 6.58 -0.87 -9.21
N PHE A 24 6.25 0.20 -8.48
CA PHE A 24 4.98 0.89 -8.69
C PHE A 24 5.19 2.39 -8.80
N PRO A 25 5.52 2.85 -10.01
CA PRO A 25 5.76 4.28 -10.29
C PRO A 25 4.48 5.10 -10.21
N ALA A 26 4.61 6.40 -10.42
CA ALA A 26 3.46 7.31 -10.39
C ALA A 26 2.34 6.80 -11.28
N GLY A 27 1.12 6.76 -10.74
CA GLY A 27 -0.01 6.29 -11.51
C GLY A 27 -0.57 4.99 -10.98
N THR A 28 0.31 4.12 -10.50
CA THR A 28 -0.09 2.83 -9.96
C THR A 28 -1.19 2.99 -8.92
N ARG A 29 -2.31 2.28 -9.13
CA ARG A 29 -3.43 2.34 -8.20
C ARG A 29 -3.28 1.31 -7.09
N TRP A 30 -3.56 1.72 -5.86
CA TRP A 30 -3.46 0.84 -4.71
C TRP A 30 -4.28 -0.43 -4.92
N ASP A 31 -5.33 -0.31 -5.72
CA ASP A 31 -6.21 -1.45 -6.00
C ASP A 31 -5.54 -2.42 -6.97
N GLN A 32 -4.67 -1.90 -7.83
CA GLN A 32 -3.96 -2.72 -8.80
C GLN A 32 -3.05 -3.73 -8.10
N ILE A 33 -2.67 -3.42 -6.86
CA ILE A 33 -1.81 -4.28 -6.08
C ILE A 33 -2.34 -5.72 -6.06
N PRO A 34 -1.44 -6.68 -6.32
CA PRO A 34 -1.80 -8.11 -6.33
C PRO A 34 -2.13 -8.63 -4.94
N ASP A 35 -3.34 -9.17 -4.79
CA ASP A 35 -3.78 -9.71 -3.51
C ASP A 35 -3.02 -10.99 -3.17
N ASP A 36 -2.39 -11.58 -4.18
CA ASP A 36 -1.62 -12.81 -3.99
C ASP A 36 -0.14 -12.50 -3.78
N TRP A 37 0.14 -11.33 -3.21
CA TRP A 37 1.51 -10.92 -2.95
C TRP A 37 1.98 -11.39 -1.59
N CYS A 38 3.28 -11.57 -1.44
CA CYS A 38 3.86 -12.02 -0.17
C CYS A 38 4.84 -10.99 0.38
N CYS A 39 4.60 -10.54 1.60
CA CYS A 39 5.45 -9.56 2.24
C CYS A 39 6.07 -10.11 3.52
N PRO A 40 7.15 -9.47 3.99
CA PRO A 40 7.84 -9.89 5.21
C PRO A 40 7.02 -9.62 6.47
N ASP A 41 6.51 -8.40 6.58
CA ASP A 41 5.70 -8.02 7.74
C ASP A 41 4.26 -8.47 7.56
N CYS A 42 3.68 -8.14 6.41
CA CYS A 42 2.29 -8.51 6.12
C CYS A 42 2.11 -10.02 6.24
N SER A 43 3.19 -10.76 6.10
CA SER A 43 3.14 -12.22 6.19
C SER A 43 2.41 -12.67 7.45
N VAL A 44 2.52 -11.85 8.51
CA VAL A 44 1.87 -12.17 9.77
C VAL A 44 0.72 -11.21 10.04
N ARG A 45 0.70 -10.08 9.34
CA ARG A 45 -0.35 -9.08 9.50
C ARG A 45 -1.33 -9.13 8.34
N GLU A 46 -2.60 -9.40 8.64
CA GLU A 46 -3.63 -9.46 7.62
C GLU A 46 -3.62 -8.21 6.74
N LYS A 47 -3.84 -8.41 5.44
CA LYS A 47 -3.85 -7.31 4.49
C LYS A 47 -4.93 -6.29 4.85
N VAL A 48 -5.92 -6.74 5.62
CA VAL A 48 -7.02 -5.87 6.03
C VAL A 48 -6.54 -4.80 7.01
N ASP A 49 -5.31 -4.98 7.51
CA ASP A 49 -4.74 -4.03 8.45
C ASP A 49 -4.57 -2.65 7.80
N PHE A 50 -4.44 -2.64 6.48
CA PHE A 50 -4.27 -1.39 5.74
C PHE A 50 -5.47 -0.47 5.97
N GLU A 51 -5.20 0.74 6.45
CA GLU A 51 -6.25 1.71 6.71
C GLU A 51 -6.17 2.87 5.72
N ARG A 52 -7.33 3.29 5.22
CA ARG A 52 -7.39 4.39 4.25
C ARG A 52 -7.54 5.73 4.97
N MET A 53 -6.87 6.74 4.45
CA MET A 53 -6.92 8.08 5.04
C MET A 53 -7.40 9.11 4.02
N GLY A 54 -7.60 10.34 4.48
CA GLY A 54 -8.06 11.40 3.59
C GLY A 54 -7.95 12.77 4.21
N GLY A 55 -8.87 13.08 5.12
CA GLY A 55 -8.85 14.37 5.78
C GLY A 55 -10.24 14.96 5.96
N LYS A 56 -10.62 15.21 7.22
CA LYS A 56 -11.94 15.76 7.52
C LYS A 56 -11.85 16.74 8.69
#